data_6SBK
#
_entry.id   6SBK
#
_cell.length_a   92.561
_cell.length_b   92.561
_cell.length_c   129.273
_cell.angle_alpha   90.000
_cell.angle_beta   90.000
_cell.angle_gamma   120.000
#
_symmetry.space_group_name_H-M   'P 61 2 2'
#
loop_
_entity.id
_entity.type
_entity.pdbx_description
1 polymer Thermolysin
2 non-polymer 'ZINC ION'
3 non-polymer 'CALCIUM ION'
4 non-polymer 'DIMETHYL SULFOXIDE'
5 non-polymer 2-AMINO-2-HYDROXYMETHYL-PROPANE-1,3-DIOL
6 non-polymer 1-(1,3-dimethyl-1H-pyrazol-5-yl)methanamine
7 non-polymer '(2,5-dimethylpyrazol-3-yl)methylcarbamic acid'
8 non-polymer 'ISOPROPYL ALCOHOL'
9 water water
#
_entity_poly.entity_id   1
_entity_poly.type   'polypeptide(L)'
_entity_poly.pdbx_seq_one_letter_code
;ITGTSTVGVGRGVLGDQKNINTTYSTYYYLQDNTRGNGIFTYDAKYRTTLPGSLWADADNQFFASYDAPAVDAHYYAGVT
YDYYKNVHNRLSYDGNNAAIRSSVHYSQGYNNAFWNGSQMVYGDGDGQTFIPLSGGIDVVAHELTHAVTDYTAGLIYQNE
SGAINEAISDIFGTLVEFYANKNPDWEIGEDVYTPGISGDSLRSMSDPAKYGDPDHYSKRYTGTQDNGGVHINSGIINKA
AYLISQGGTHYGVSVVGIGRDKLGKIFYRALTQYLTPTSNFSQLRAAAVQSATDLYGSTSQEVASVKQAFDAVGVK
;
_entity_poly.pdbx_strand_id   E
#
# COMPACT_ATOMS: atom_id res chain seq x y z
N ILE A 1 -11.74 -22.50 5.22
CA ILE A 1 -12.26 -23.87 5.50
C ILE A 1 -11.57 -24.50 6.72
N THR A 2 -12.11 -25.62 7.18
CA THR A 2 -11.51 -26.33 8.30
C THR A 2 -10.51 -27.34 7.76
N GLY A 3 -9.31 -27.34 8.33
CA GLY A 3 -8.30 -28.27 7.88
C GLY A 3 -7.07 -28.12 8.75
N THR A 4 -5.93 -28.56 8.23
CA THR A 4 -4.67 -28.45 8.95
C THR A 4 -3.71 -27.54 8.21
N SER A 5 -2.96 -26.76 8.98
CA SER A 5 -2.03 -25.79 8.41
C SER A 5 -0.84 -26.50 7.80
N THR A 6 -0.50 -26.08 6.58
CA THR A 6 0.55 -26.68 5.77
C THR A 6 1.39 -25.57 5.17
N VAL A 7 2.49 -25.94 4.52
CA VAL A 7 3.40 -24.97 3.90
C VAL A 7 3.65 -25.44 2.47
N GLY A 8 3.16 -24.69 1.50
CA GLY A 8 3.41 -24.97 0.10
C GLY A 8 4.58 -24.13 -0.41
N VAL A 9 4.90 -24.35 -1.68
CA VAL A 9 5.97 -23.64 -2.34
C VAL A 9 5.51 -23.27 -3.75
N GLY A 10 5.96 -22.12 -4.23
CA GLY A 10 5.57 -21.69 -5.55
C GLY A 10 6.46 -20.59 -6.05
N ARG A 11 6.09 -20.05 -7.20
CA ARG A 11 6.79 -18.93 -7.81
C ARG A 11 5.82 -17.79 -8.02
N GLY A 12 6.29 -16.58 -7.73
CA GLY A 12 5.51 -15.38 -7.92
C GLY A 12 5.61 -14.82 -9.33
N VAL A 13 5.00 -13.66 -9.51
CA VAL A 13 4.89 -13.02 -10.82
C VAL A 13 6.26 -12.74 -11.43
N LEU A 14 7.25 -12.41 -10.61
CA LEU A 14 8.59 -12.10 -11.10
C LEU A 14 9.50 -13.32 -11.18
N GLY A 15 8.97 -14.51 -10.95
CA GLY A 15 9.75 -15.73 -11.09
C GLY A 15 10.51 -16.17 -9.86
N ASP A 16 10.29 -15.51 -8.71
CA ASP A 16 10.99 -15.83 -7.49
C ASP A 16 10.24 -16.91 -6.72
N GLN A 17 10.98 -17.83 -6.13
CA GLN A 17 10.39 -18.92 -5.37
C GLN A 17 10.15 -18.47 -3.93
N LYS A 18 9.00 -18.84 -3.39
CA LYS A 18 8.73 -18.51 -1.99
C LYS A 18 7.82 -19.59 -1.40
N ASN A 19 7.89 -19.73 -0.09
CA ASN A 19 7.01 -20.62 0.65
C ASN A 19 5.75 -19.84 1.02
N ILE A 20 4.62 -20.54 1.03
CA ILE A 20 3.34 -19.93 1.37
C ILE A 20 2.59 -20.82 2.35
N ASN A 21 1.91 -20.18 3.29
CA ASN A 21 1.09 -20.89 4.26
C ASN A 21 -0.23 -21.29 3.63
N THR A 22 -0.53 -22.58 3.67
CA THR A 22 -1.72 -23.14 3.06
C THR A 22 -2.49 -23.94 4.11
N THR A 23 -3.64 -24.47 3.71
CA THR A 23 -4.47 -25.32 4.56
C THR A 23 -4.86 -26.56 3.77
N TYR A 24 -4.67 -27.73 4.36
CA TYR A 24 -5.02 -28.97 3.68
C TYR A 24 -6.36 -29.52 4.18
N SER A 25 -7.26 -29.77 3.23
CA SER A 25 -8.48 -30.56 3.46
C SER A 25 -8.91 -31.02 2.07
N THR A 26 -8.47 -32.22 1.70
CA THR A 26 -8.64 -32.80 0.35
C THR A 26 -7.75 -32.08 -0.66
N TYR A 27 -7.96 -30.78 -0.81
CA TYR A 27 -7.09 -29.89 -1.57
C TYR A 27 -6.22 -29.08 -0.61
N TYR A 28 -5.20 -28.43 -1.18
CA TYR A 28 -4.40 -27.43 -0.47
C TYR A 28 -4.92 -26.06 -0.86
N TYR A 29 -5.38 -25.30 0.12
CA TYR A 29 -5.99 -24.00 -0.12
C TYR A 29 -5.03 -22.88 0.26
N LEU A 30 -5.14 -21.76 -0.45
CA LEU A 30 -4.43 -20.53 -0.09
C LEU A 30 -5.17 -19.90 1.08
N GLN A 31 -4.92 -20.49 2.25
CA GLN A 31 -5.51 -20.06 3.51
C GLN A 31 -4.38 -20.19 4.53
N ASP A 32 -3.92 -19.04 5.02
CA ASP A 32 -2.80 -18.93 5.96
C ASP A 32 -3.41 -18.75 7.35
N ASN A 33 -3.33 -19.79 8.17
CA ASN A 33 -3.89 -19.73 9.51
C ASN A 33 -2.93 -19.16 10.54
N THR A 34 -1.70 -18.82 10.14
CA THR A 34 -0.68 -18.37 11.08
C THR A 34 -0.81 -16.89 11.42
N ARG A 35 -1.68 -16.15 10.74
CA ARG A 35 -1.80 -14.71 10.91
C ARG A 35 -3.24 -14.34 11.20
N GLY A 36 -3.49 -13.91 12.44
CA GLY A 36 -4.81 -13.43 12.80
C GLY A 36 -5.86 -14.51 12.61
N ASN A 37 -7.01 -14.09 12.09
CA ASN A 37 -8.08 -15.01 11.72
C ASN A 37 -7.98 -15.46 10.28
N GLY A 38 -6.81 -15.34 9.69
CA GLY A 38 -6.53 -15.98 8.42
C GLY A 38 -6.31 -14.98 7.30
N ILE A 39 -5.50 -15.39 6.33
CA ILE A 39 -5.34 -14.72 5.05
C ILE A 39 -5.83 -15.70 3.99
N PHE A 40 -6.76 -15.25 3.16
CA PHE A 40 -7.48 -16.11 2.22
C PHE A 40 -7.35 -15.52 0.83
N THR A 41 -6.93 -16.32 -0.14
CA THR A 41 -6.73 -15.85 -1.51
C THR A 41 -7.62 -16.65 -2.46
N TYR A 42 -8.30 -15.92 -3.35
CA TYR A 42 -9.37 -16.45 -4.19
C TYR A 42 -9.05 -16.27 -5.66
N ASP A 43 -9.63 -17.14 -6.49
CA ASP A 43 -9.54 -17.09 -7.94
C ASP A 43 -10.81 -16.46 -8.48
N ALA A 44 -10.69 -15.29 -9.12
CA ALA A 44 -11.83 -14.67 -9.79
C ALA A 44 -12.00 -15.15 -11.22
N LYS A 45 -11.06 -15.93 -11.76
CA LYS A 45 -11.27 -16.71 -12.99
C LYS A 45 -11.58 -15.83 -14.19
N TYR A 46 -10.99 -14.65 -14.22
CA TYR A 46 -11.13 -13.67 -15.29
C TYR A 46 -12.49 -12.98 -15.30
N ARG A 47 -13.33 -13.21 -14.30
CA ARG A 47 -14.63 -12.57 -14.20
C ARG A 47 -14.58 -11.47 -13.16
N THR A 48 -15.71 -10.78 -13.00
CA THR A 48 -15.83 -9.66 -12.07
C THR A 48 -16.69 -9.98 -10.87
N THR A 49 -17.18 -11.21 -10.76
CA THR A 49 -17.87 -11.64 -9.55
C THR A 49 -16.84 -11.85 -8.44
N LEU A 50 -17.14 -11.33 -7.25
CA LEU A 50 -16.22 -11.41 -6.14
C LEU A 50 -16.86 -12.11 -4.95
N PRO A 51 -16.07 -12.86 -4.17
CA PRO A 51 -14.61 -12.98 -4.30
C PRO A 51 -14.15 -14.02 -5.32
N GLY A 52 -15.06 -14.85 -5.79
CA GLY A 52 -14.66 -16.00 -6.56
C GLY A 52 -14.52 -17.20 -5.65
N SER A 53 -13.67 -18.16 -6.02
N SER A 53 -13.64 -18.13 -6.02
CA SER A 53 -13.53 -19.40 -5.27
CA SER A 53 -13.47 -19.38 -5.30
C SER A 53 -12.20 -19.43 -4.54
C SER A 53 -12.17 -19.37 -4.51
N LEU A 54 -12.23 -19.86 -3.28
CA LEU A 54 -11.02 -19.99 -2.49
C LEU A 54 -10.03 -20.85 -3.26
N TRP A 55 -8.80 -20.38 -3.39
CA TRP A 55 -7.83 -21.00 -4.27
C TRP A 55 -7.50 -22.41 -3.77
N ALA A 56 -7.74 -23.41 -4.61
CA ALA A 56 -7.52 -24.81 -4.30
C ALA A 56 -6.49 -25.38 -5.27
N ASP A 57 -5.57 -26.19 -4.74
CA ASP A 57 -4.48 -26.75 -5.51
C ASP A 57 -4.27 -28.19 -5.07
N ALA A 58 -4.04 -29.09 -6.04
CA ALA A 58 -4.03 -30.51 -5.72
C ALA A 58 -2.79 -30.95 -4.95
N ASP A 59 -1.64 -30.29 -5.15
CA ASP A 59 -0.37 -30.82 -4.66
C ASP A 59 0.46 -29.88 -3.82
N ASN A 60 -0.03 -28.69 -3.49
CA ASN A 60 0.66 -27.74 -2.62
C ASN A 60 1.91 -27.15 -3.27
N GLN A 61 2.02 -27.26 -4.59
CA GLN A 61 3.09 -26.65 -5.39
C GLN A 61 2.43 -25.68 -6.36
N PHE A 62 2.94 -24.45 -6.40
CA PHE A 62 2.27 -23.36 -7.11
C PHE A 62 3.24 -22.73 -8.11
N PHE A 63 3.67 -23.54 -9.09
CA PHE A 63 4.65 -23.11 -10.08
C PHE A 63 4.06 -22.87 -11.45
N ALA A 64 2.75 -23.00 -11.62
CA ALA A 64 2.15 -22.71 -12.92
C ALA A 64 2.06 -21.21 -13.12
N SER A 65 2.09 -20.79 -14.38
N SER A 65 2.09 -20.79 -14.38
CA SER A 65 1.95 -19.37 -14.70
CA SER A 65 1.96 -19.37 -14.68
C SER A 65 0.68 -18.80 -14.08
C SER A 65 0.68 -18.81 -14.06
N TYR A 66 -0.42 -19.56 -14.16
CA TYR A 66 -1.70 -19.10 -13.63
C TYR A 66 -1.65 -18.92 -12.11
N ASP A 67 -0.75 -19.65 -11.44
CA ASP A 67 -0.66 -19.57 -9.99
C ASP A 67 0.06 -18.30 -9.51
N ALA A 68 0.93 -17.72 -10.34
CA ALA A 68 1.85 -16.70 -9.85
C ALA A 68 1.17 -15.50 -9.19
N PRO A 69 0.11 -14.93 -9.76
CA PRO A 69 -0.55 -13.80 -9.08
C PRO A 69 -1.11 -14.17 -7.73
N ALA A 70 -1.58 -15.41 -7.58
CA ALA A 70 -2.13 -15.85 -6.30
C ALA A 70 -1.05 -16.00 -5.26
N VAL A 71 0.09 -16.60 -5.65
CA VAL A 71 1.22 -16.74 -4.74
C VAL A 71 1.60 -15.38 -4.15
N ASP A 72 1.73 -14.37 -5.01
CA ASP A 72 2.22 -13.07 -4.53
C ASP A 72 1.14 -12.33 -3.74
N ALA A 73 -0.11 -12.38 -4.17
CA ALA A 73 -1.15 -11.74 -3.38
C ALA A 73 -1.18 -12.32 -1.97
N HIS A 74 -1.06 -13.63 -1.88
CA HIS A 74 -1.12 -14.33 -0.59
C HIS A 74 0.09 -13.99 0.25
N TYR A 75 1.28 -14.10 -0.34
CA TYR A 75 2.52 -13.89 0.40
C TYR A 75 2.65 -12.44 0.85
N TYR A 76 2.39 -11.48 -0.05
CA TYR A 76 2.60 -10.08 0.29
C TYR A 76 1.52 -9.58 1.25
N ALA A 77 0.33 -10.17 1.24
CA ALA A 77 -0.63 -9.88 2.29
C ALA A 77 -0.08 -10.30 3.65
N GLY A 78 0.61 -11.45 3.70
CA GLY A 78 1.24 -11.86 4.93
C GLY A 78 2.34 -10.92 5.38
N VAL A 79 3.18 -10.47 4.45
CA VAL A 79 4.25 -9.53 4.81
C VAL A 79 3.64 -8.24 5.34
N THR A 80 2.57 -7.77 4.71
CA THR A 80 1.92 -6.53 5.15
C THR A 80 1.33 -6.72 6.54
N TYR A 81 0.70 -7.87 6.78
CA TYR A 81 0.20 -8.16 8.13
C TYR A 81 1.33 -8.11 9.14
N ASP A 82 2.47 -8.72 8.80
CA ASP A 82 3.61 -8.75 9.71
C ASP A 82 4.11 -7.34 10.00
N TYR A 83 4.18 -6.49 8.97
CA TYR A 83 4.62 -5.11 9.17
C TYR A 83 3.73 -4.41 10.19
N TYR A 84 2.41 -4.46 9.99
CA TYR A 84 1.51 -3.74 10.88
C TYR A 84 1.58 -4.30 12.30
N LYS A 85 1.69 -5.62 12.43
CA LYS A 85 1.74 -6.23 13.77
C LYS A 85 3.07 -5.94 14.46
N ASN A 86 4.19 -6.20 13.78
CA ASN A 86 5.49 -6.08 14.41
C ASN A 86 5.93 -4.63 14.59
N VAL A 87 5.53 -3.75 13.68
CA VAL A 87 6.03 -2.38 13.73
C VAL A 87 5.07 -1.46 14.48
N HIS A 88 3.76 -1.64 14.33
CA HIS A 88 2.79 -0.74 14.92
C HIS A 88 1.87 -1.42 15.92
N ASN A 89 2.09 -2.68 16.24
CA ASN A 89 1.23 -3.42 17.16
C ASN A 89 -0.23 -3.37 16.74
N ARG A 90 -0.47 -3.41 15.43
CA ARG A 90 -1.82 -3.45 14.89
C ARG A 90 -2.09 -4.83 14.31
N LEU A 91 -3.18 -5.46 14.75
CA LEU A 91 -3.53 -6.81 14.36
C LEU A 91 -4.54 -6.74 13.22
N SER A 92 -4.05 -6.95 12.00
CA SER A 92 -4.84 -6.82 10.77
C SER A 92 -5.42 -5.42 10.59
N TYR A 93 -6.28 -5.26 9.57
CA TYR A 93 -6.66 -3.90 9.19
C TYR A 93 -7.64 -3.28 10.18
N ASP A 94 -8.42 -4.09 10.91
CA ASP A 94 -9.36 -3.56 11.89
C ASP A 94 -8.79 -3.52 13.30
N GLY A 95 -7.54 -3.94 13.50
CA GLY A 95 -6.97 -4.02 14.82
C GLY A 95 -7.46 -5.19 15.65
N ASN A 96 -8.35 -6.03 15.11
CA ASN A 96 -8.90 -7.19 15.80
C ASN A 96 -8.71 -8.47 14.99
N ASN A 97 -7.67 -8.51 14.17
CA ASN A 97 -7.31 -9.70 13.42
C ASN A 97 -8.38 -10.13 12.40
N ALA A 98 -9.06 -9.17 11.79
CA ALA A 98 -10.00 -9.51 10.72
C ALA A 98 -9.31 -10.33 9.64
N ALA A 99 -10.05 -11.32 9.11
CA ALA A 99 -9.56 -12.09 7.99
C ALA A 99 -9.27 -11.19 6.81
N ILE A 100 -8.15 -11.46 6.14
CA ILE A 100 -7.72 -10.68 4.99
C ILE A 100 -8.00 -11.51 3.74
N ARG A 101 -8.81 -10.97 2.84
N ARG A 101 -8.83 -10.97 2.85
CA ARG A 101 -9.22 -11.69 1.63
CA ARG A 101 -9.24 -11.64 1.64
C ARG A 101 -8.79 -10.92 0.40
C ARG A 101 -8.70 -10.90 0.43
N SER A 102 -8.24 -11.66 -0.57
CA SER A 102 -7.79 -11.11 -1.84
C SER A 102 -8.28 -12.00 -2.98
N SER A 103 -8.63 -11.39 -4.11
CA SER A 103 -8.95 -12.11 -5.31
C SER A 103 -8.00 -11.69 -6.43
N VAL A 104 -7.53 -12.67 -7.18
CA VAL A 104 -6.66 -12.44 -8.32
C VAL A 104 -7.37 -12.91 -9.59
N HIS A 105 -6.74 -12.62 -10.73
CA HIS A 105 -7.34 -12.88 -12.05
C HIS A 105 -8.70 -12.19 -12.16
N TYR A 106 -8.78 -10.96 -11.66
CA TYR A 106 -10.00 -10.17 -11.78
C TYR A 106 -10.12 -9.62 -13.19
N SER A 107 -11.24 -9.95 -13.85
CA SER A 107 -11.55 -9.48 -15.20
C SER A 107 -10.50 -9.92 -16.21
N GLN A 108 -10.48 -9.29 -17.38
CA GLN A 108 -9.54 -9.60 -18.44
C GLN A 108 -8.74 -8.36 -18.79
N GLY A 109 -7.42 -8.50 -18.78
CA GLY A 109 -6.53 -7.40 -19.13
C GLY A 109 -6.70 -6.19 -18.25
N TYR A 110 -7.02 -6.38 -16.97
CA TYR A 110 -7.41 -5.28 -16.10
C TYR A 110 -6.16 -4.65 -15.48
N ASN A 111 -5.93 -3.37 -15.81
CA ASN A 111 -4.72 -2.66 -15.43
C ASN A 111 -4.90 -1.94 -14.12
N ASN A 112 -5.33 -2.64 -13.08
CA ASN A 112 -5.51 -1.98 -11.79
C ASN A 112 -5.68 -3.01 -10.69
N ALA A 113 -5.74 -2.49 -9.47
CA ALA A 113 -5.97 -3.25 -8.25
C ALA A 113 -6.65 -2.29 -7.28
N PHE A 114 -7.41 -2.84 -6.35
CA PHE A 114 -8.17 -1.98 -5.45
C PHE A 114 -8.64 -2.75 -4.23
N TRP A 115 -9.01 -1.98 -3.21
CA TRP A 115 -9.75 -2.46 -2.06
C TRP A 115 -11.19 -2.02 -2.24
N ASN A 116 -12.13 -2.97 -2.16
CA ASN A 116 -13.52 -2.71 -2.55
C ASN A 116 -14.42 -2.47 -1.36
N GLY A 117 -13.84 -2.19 -0.19
CA GLY A 117 -14.58 -2.06 1.05
C GLY A 117 -14.58 -3.32 1.90
N SER A 118 -14.28 -4.47 1.29
CA SER A 118 -14.31 -5.77 1.97
C SER A 118 -13.09 -6.63 1.69
N GLN A 119 -12.38 -6.41 0.59
CA GLN A 119 -11.31 -7.29 0.18
C GLN A 119 -10.43 -6.59 -0.84
N MET A 120 -9.25 -7.16 -1.07
N MET A 120 -9.25 -7.20 -1.06
CA MET A 120 -8.35 -6.71 -2.12
CA MET A 120 -8.35 -6.81 -2.12
C MET A 120 -8.65 -7.45 -3.42
C MET A 120 -8.81 -7.41 -3.44
N VAL A 121 -8.44 -6.74 -4.54
CA VAL A 121 -8.75 -7.22 -5.88
C VAL A 121 -7.62 -6.84 -6.81
N TYR A 122 -7.11 -7.81 -7.59
CA TYR A 122 -5.98 -7.58 -8.48
C TYR A 122 -6.29 -8.03 -9.91
N GLY A 123 -6.14 -7.12 -10.84
CA GLY A 123 -6.11 -7.49 -12.24
C GLY A 123 -4.80 -8.16 -12.62
N ASP A 124 -4.82 -8.76 -13.81
CA ASP A 124 -3.62 -9.36 -14.39
C ASP A 124 -2.85 -8.38 -15.25
N GLY A 125 -3.40 -7.20 -15.53
CA GLY A 125 -2.81 -6.32 -16.51
C GLY A 125 -3.03 -6.82 -17.92
N ASP A 126 -2.72 -5.99 -18.90
CA ASP A 126 -2.82 -6.36 -20.30
C ASP A 126 -1.49 -6.84 -20.88
N GLY A 127 -0.47 -7.01 -20.04
CA GLY A 127 0.83 -7.45 -20.50
C GLY A 127 1.71 -6.34 -21.04
N GLN A 128 1.16 -5.15 -21.22
CA GLN A 128 1.91 -4.01 -21.75
C GLN A 128 1.98 -2.86 -20.75
N THR A 129 0.84 -2.40 -20.26
CA THR A 129 0.84 -1.40 -19.19
C THR A 129 1.21 -2.02 -17.85
N PHE A 130 0.70 -3.22 -17.57
CA PHE A 130 0.98 -3.91 -16.33
C PHE A 130 1.10 -5.41 -16.58
N ILE A 131 1.88 -6.07 -15.73
CA ILE A 131 1.79 -7.50 -15.51
C ILE A 131 0.97 -7.68 -14.22
N PRO A 132 0.66 -8.89 -13.79
CA PRO A 132 -0.30 -9.03 -12.67
C PRO A 132 0.12 -8.23 -11.44
N LEU A 133 -0.81 -7.41 -10.95
CA LEU A 133 -0.42 -6.30 -10.08
C LEU A 133 -0.03 -6.76 -8.68
N SER A 134 -0.44 -7.96 -8.27
CA SER A 134 0.00 -8.47 -6.99
C SER A 134 1.50 -8.78 -6.96
N GLY A 135 2.18 -8.72 -8.10
CA GLY A 135 3.64 -8.83 -8.11
C GLY A 135 4.35 -7.68 -7.44
N GLY A 136 3.65 -6.59 -7.15
CA GLY A 136 4.26 -5.46 -6.49
C GLY A 136 3.94 -5.43 -5.01
N ILE A 137 4.94 -5.59 -4.16
CA ILE A 137 4.67 -5.57 -2.72
C ILE A 137 4.12 -4.22 -2.30
N ASP A 138 4.62 -3.13 -2.90
CA ASP A 138 4.09 -1.80 -2.58
C ASP A 138 2.62 -1.68 -3.00
N VAL A 139 2.25 -2.30 -4.12
CA VAL A 139 0.85 -2.30 -4.56
C VAL A 139 -0.02 -3.05 -3.56
N VAL A 140 0.39 -4.26 -3.16
CA VAL A 140 -0.39 -5.04 -2.21
C VAL A 140 -0.56 -4.26 -0.91
N ALA A 141 0.54 -3.73 -0.37
CA ALA A 141 0.47 -3.00 0.89
C ALA A 141 -0.32 -1.70 0.75
N HIS A 142 -0.22 -1.03 -0.40
CA HIS A 142 -1.07 0.12 -0.70
C HIS A 142 -2.54 -0.26 -0.57
N GLU A 143 -2.95 -1.37 -1.19
CA GLU A 143 -4.36 -1.75 -1.15
C GLU A 143 -4.81 -2.08 0.26
N LEU A 144 -4.02 -2.90 0.99
CA LEU A 144 -4.43 -3.25 2.35
C LEU A 144 -4.43 -2.02 3.25
N THR A 145 -3.57 -1.04 2.98
CA THR A 145 -3.58 0.17 3.80
C THR A 145 -4.88 0.94 3.62
N HIS A 146 -5.54 0.84 2.46
CA HIS A 146 -6.86 1.45 2.33
C HIS A 146 -7.83 0.88 3.36
N ALA A 147 -7.71 -0.43 3.65
CA ALA A 147 -8.55 -1.04 4.67
C ALA A 147 -8.24 -0.46 6.05
N VAL A 148 -6.97 -0.30 6.37
CA VAL A 148 -6.58 0.34 7.63
C VAL A 148 -7.19 1.73 7.72
N THR A 149 -7.06 2.52 6.66
CA THR A 149 -7.63 3.86 6.67
C THR A 149 -9.13 3.83 6.88
N ASP A 150 -9.83 2.93 6.19
CA ASP A 150 -11.29 2.88 6.32
C ASP A 150 -11.72 2.60 7.75
N TYR A 151 -10.93 1.82 8.49
CA TYR A 151 -11.26 1.50 9.88
C TYR A 151 -10.74 2.51 10.89
N THR A 152 -9.95 3.50 10.44
CA THR A 152 -9.36 4.46 11.35
C THR A 152 -9.85 5.85 10.94
N ALA A 153 -9.01 6.64 10.25
CA ALA A 153 -9.39 8.00 9.94
C ALA A 153 -10.65 8.06 9.08
N GLY A 154 -10.83 7.10 8.17
CA GLY A 154 -12.00 7.12 7.33
C GLY A 154 -12.02 8.20 6.27
N LEU A 155 -10.84 8.64 5.83
CA LEU A 155 -10.72 9.72 4.87
C LEU A 155 -11.59 9.50 3.64
N ILE A 156 -12.48 10.46 3.38
N ILE A 156 -12.49 10.45 3.39
CA ILE A 156 -13.38 10.38 2.24
CA ILE A 156 -13.38 10.38 2.23
C ILE A 156 -12.57 10.45 0.95
C ILE A 156 -12.53 10.41 0.97
N TYR A 157 -12.93 9.62 -0.02
CA TYR A 157 -12.11 9.42 -1.23
C TYR A 157 -12.41 10.46 -2.30
N GLN A 158 -12.14 11.72 -1.97
CA GLN A 158 -12.36 12.84 -2.87
C GLN A 158 -11.52 14.03 -2.42
N ASN A 159 -11.03 14.79 -3.37
CA ASN A 159 -10.39 16.10 -3.11
C ASN A 159 -9.25 15.91 -2.12
N GLU A 160 -9.03 16.84 -1.19
CA GLU A 160 -7.83 16.77 -0.34
C GLU A 160 -7.85 15.55 0.58
N SER A 161 -9.00 15.24 1.18
N SER A 161 -9.00 15.25 1.19
CA SER A 161 -9.04 14.07 2.06
CA SER A 161 -9.08 14.07 2.04
C SER A 161 -8.74 12.80 1.28
C SER A 161 -8.71 12.82 1.26
N GLY A 162 -9.15 12.73 0.02
CA GLY A 162 -8.86 11.55 -0.79
C GLY A 162 -7.41 11.47 -1.21
N ALA A 163 -6.79 12.63 -1.46
CA ALA A 163 -5.35 12.65 -1.74
C ALA A 163 -4.54 12.22 -0.52
N ILE A 164 -4.98 12.58 0.68
CA ILE A 164 -4.32 12.09 1.89
C ILE A 164 -4.51 10.58 2.00
N ASN A 165 -5.73 10.10 1.77
CA ASN A 165 -6.00 8.66 1.74
C ASN A 165 -5.01 7.95 0.82
N GLU A 166 -4.87 8.45 -0.41
CA GLU A 166 -3.95 7.84 -1.36
C GLU A 166 -2.51 7.90 -0.86
N ALA A 167 -2.08 9.06 -0.35
CA ALA A 167 -0.70 9.19 0.11
C ALA A 167 -0.41 8.25 1.28
N ILE A 168 -1.36 8.10 2.20
CA ILE A 168 -1.20 7.15 3.29
C ILE A 168 -0.92 5.76 2.75
N SER A 169 -1.65 5.35 1.71
CA SER A 169 -1.42 4.03 1.13
C SER A 169 -0.06 3.95 0.42
N ASP A 170 0.37 5.04 -0.22
CA ASP A 170 1.69 5.04 -0.86
C ASP A 170 2.80 5.02 0.20
N ILE A 171 2.61 5.77 1.28
CA ILE A 171 3.61 5.82 2.35
C ILE A 171 3.79 4.44 2.96
N PHE A 172 2.70 3.83 3.42
CA PHE A 172 2.82 2.52 4.06
C PHE A 172 3.11 1.42 3.05
N GLY A 173 2.65 1.55 1.81
CA GLY A 173 3.11 0.61 0.78
C GLY A 173 4.61 0.63 0.65
N THR A 174 5.21 1.82 0.65
CA THR A 174 6.65 1.95 0.54
C THR A 174 7.36 1.48 1.81
N LEU A 175 6.81 1.79 2.98
CA LEU A 175 7.44 1.32 4.21
C LEU A 175 7.39 -0.21 4.31
N VAL A 176 6.33 -0.84 3.82
CA VAL A 176 6.31 -2.30 3.76
C VAL A 176 7.37 -2.81 2.79
N GLU A 177 7.51 -2.14 1.64
CA GLU A 177 8.56 -2.55 0.70
C GLU A 177 9.93 -2.48 1.34
N PHE A 178 10.20 -1.43 2.12
CA PHE A 178 11.48 -1.35 2.82
C PHE A 178 11.59 -2.43 3.90
N TYR A 179 10.49 -2.71 4.61
CA TYR A 179 10.49 -3.75 5.63
C TYR A 179 10.90 -5.11 5.06
N ALA A 180 10.38 -5.45 3.88
CA ALA A 180 10.75 -6.71 3.24
C ALA A 180 12.17 -6.66 2.70
N ASN A 181 12.65 -5.47 2.37
CA ASN A 181 14.05 -5.23 2.02
C ASN A 181 14.47 -5.94 0.74
N LYS A 182 13.56 -5.99 -0.24
CA LYS A 182 13.86 -6.50 -1.57
C LYS A 182 13.72 -5.35 -2.56
N ASN A 183 14.85 -4.85 -3.05
CA ASN A 183 14.90 -3.75 -4.00
C ASN A 183 13.99 -2.57 -3.59
N PRO A 184 14.12 -2.08 -2.35
CA PRO A 184 13.21 -1.03 -1.90
C PRO A 184 13.55 0.32 -2.53
N ASP A 185 12.52 1.15 -2.67
CA ASP A 185 12.65 2.47 -3.27
C ASP A 185 11.46 3.30 -2.84
N TRP A 186 11.44 4.56 -3.30
CA TRP A 186 10.36 5.49 -3.04
C TRP A 186 9.46 5.68 -4.26
N GLU A 187 9.41 4.71 -5.15
N GLU A 187 9.42 4.70 -5.16
CA GLU A 187 8.50 4.74 -6.29
CA GLU A 187 8.54 4.69 -6.31
C GLU A 187 7.43 3.68 -6.09
C GLU A 187 7.40 3.71 -6.04
N ILE A 188 6.32 3.83 -6.82
CA ILE A 188 5.13 3.01 -6.62
C ILE A 188 4.88 2.18 -7.87
N GLY A 189 4.91 0.85 -7.70
CA GLY A 189 4.49 -0.08 -8.73
C GLY A 189 5.54 -0.44 -9.75
N GLU A 190 6.80 -0.09 -9.51
CA GLU A 190 7.84 -0.33 -10.50
C GLU A 190 7.99 -1.80 -10.85
N ASP A 191 7.63 -2.72 -9.95
CA ASP A 191 7.87 -4.13 -10.23
C ASP A 191 6.86 -4.73 -11.21
N VAL A 192 5.72 -4.07 -11.41
CA VAL A 192 4.67 -4.60 -12.27
C VAL A 192 4.29 -3.68 -13.40
N TYR A 193 4.80 -2.45 -13.43
CA TYR A 193 4.45 -1.47 -14.45
C TYR A 193 5.35 -1.59 -15.68
N THR A 194 4.73 -1.54 -16.85
CA THR A 194 5.39 -1.50 -18.15
C THR A 194 6.59 -2.45 -18.25
N PRO A 195 6.35 -3.74 -18.41
CA PRO A 195 7.48 -4.67 -18.53
C PRO A 195 8.44 -4.34 -19.65
N GLY A 196 8.02 -3.57 -20.65
CA GLY A 196 8.89 -3.19 -21.74
C GLY A 196 9.72 -1.95 -21.53
N ILE A 197 9.57 -1.28 -20.38
CA ILE A 197 10.28 -0.03 -20.10
C ILE A 197 10.92 -0.17 -18.73
N SER A 198 12.24 0.02 -18.67
N SER A 198 12.24 -0.01 -18.67
CA SER A 198 12.97 -0.10 -17.41
CA SER A 198 12.95 -0.11 -17.40
C SER A 198 13.08 1.25 -16.73
C SER A 198 13.02 1.26 -16.74
N GLY A 199 12.99 1.26 -15.41
CA GLY A 199 13.25 2.44 -14.62
C GLY A 199 12.08 3.38 -14.38
N ASP A 200 10.87 3.01 -14.78
CA ASP A 200 9.69 3.84 -14.58
C ASP A 200 8.80 3.22 -13.52
N SER A 201 7.70 3.90 -13.22
CA SER A 201 6.73 3.44 -12.23
C SER A 201 5.49 4.31 -12.41
N LEU A 202 4.48 4.02 -11.58
CA LEU A 202 3.22 4.76 -11.62
C LEU A 202 3.39 6.16 -11.03
N ARG A 203 4.17 6.27 -9.95
CA ARG A 203 4.31 7.50 -9.20
C ARG A 203 5.67 7.46 -8.53
N SER A 204 6.21 8.64 -8.24
CA SER A 204 7.41 8.77 -7.42
C SER A 204 7.06 9.62 -6.21
N MET A 205 7.48 9.16 -5.03
CA MET A 205 7.33 9.96 -3.81
C MET A 205 8.47 10.95 -3.65
N SER A 206 9.67 10.58 -4.09
CA SER A 206 10.83 11.46 -3.94
C SER A 206 10.80 12.59 -4.95
N ASP A 207 10.22 12.36 -6.12
CA ASP A 207 10.10 13.38 -7.15
C ASP A 207 8.80 13.16 -7.91
N PRO A 208 7.67 13.52 -7.32
CA PRO A 208 6.38 13.28 -7.99
C PRO A 208 6.30 13.87 -9.38
N ALA A 209 6.97 14.98 -9.63
CA ALA A 209 6.91 15.60 -10.95
C ALA A 209 7.54 14.73 -12.03
N LYS A 210 8.34 13.74 -11.64
CA LYS A 210 8.90 12.80 -12.61
C LYS A 210 7.81 12.24 -13.52
N TYR A 211 6.62 12.01 -12.96
CA TYR A 211 5.50 11.45 -13.71
C TYR A 211 4.32 12.42 -13.77
N GLY A 212 4.59 13.71 -13.67
CA GLY A 212 3.60 14.74 -13.87
C GLY A 212 2.77 15.12 -12.65
N ASP A 213 3.07 14.58 -11.50
CA ASP A 213 2.27 14.89 -10.33
C ASP A 213 2.87 16.05 -9.55
N PRO A 214 2.01 16.83 -8.87
CA PRO A 214 2.49 18.02 -8.18
C PRO A 214 3.35 17.70 -6.96
N ASP A 215 4.32 18.59 -6.72
CA ASP A 215 5.20 18.49 -5.56
C ASP A 215 5.13 19.75 -4.70
N HIS A 216 4.09 20.54 -4.91
CA HIS A 216 3.88 21.76 -4.13
C HIS A 216 2.39 22.08 -4.20
N TYR A 217 1.85 22.60 -3.09
CA TYR A 217 0.44 22.89 -3.02
C TYR A 217 -0.01 23.87 -4.10
N SER A 218 0.87 24.76 -4.54
CA SER A 218 0.50 25.72 -5.58
C SER A 218 0.27 25.05 -6.92
N LYS A 219 0.72 23.81 -7.10
CA LYS A 219 0.55 23.07 -8.34
C LYS A 219 -0.56 22.03 -8.24
N ARG A 220 -1.38 22.09 -7.20
CA ARG A 220 -2.41 21.08 -7.02
C ARG A 220 -3.44 21.16 -8.14
N TYR A 221 -4.01 19.99 -8.45
CA TYR A 221 -5.12 19.87 -9.38
C TYR A 221 -6.43 20.05 -8.63
N THR A 222 -7.33 20.88 -9.18
CA THR A 222 -8.61 21.11 -8.54
C THR A 222 -9.79 20.81 -9.44
N GLY A 223 -9.58 20.11 -10.56
CA GLY A 223 -10.66 19.65 -11.39
C GLY A 223 -11.38 18.46 -10.78
N THR A 224 -12.21 17.82 -11.61
CA THR A 224 -13.06 16.74 -11.14
C THR A 224 -12.56 15.34 -11.52
N GLN A 225 -11.58 15.26 -12.42
CA GLN A 225 -11.06 13.96 -12.81
C GLN A 225 -10.45 13.26 -11.61
N ASP A 226 -10.47 11.93 -11.62
CA ASP A 226 -9.77 11.13 -10.61
C ASP A 226 -10.26 11.50 -9.21
N ASN A 227 -11.57 11.62 -9.05
CA ASN A 227 -12.18 11.98 -7.77
C ASN A 227 -11.57 13.27 -7.20
N GLY A 228 -11.33 14.23 -8.09
CA GLY A 228 -10.68 15.45 -7.67
C GLY A 228 -9.19 15.32 -7.50
N GLY A 229 -8.55 14.44 -8.27
CA GLY A 229 -7.11 14.34 -8.28
C GLY A 229 -6.48 13.53 -7.17
N VAL A 230 -7.15 12.48 -6.68
CA VAL A 230 -6.64 11.80 -5.50
C VAL A 230 -5.30 11.11 -5.77
N HIS A 231 -5.08 10.60 -6.98
CA HIS A 231 -3.81 9.97 -7.34
C HIS A 231 -2.81 10.97 -7.90
N ILE A 232 -3.20 12.25 -7.97
CA ILE A 232 -2.37 13.32 -8.50
C ILE A 232 -1.84 14.15 -7.33
N ASN A 233 -2.76 14.75 -6.57
CA ASN A 233 -2.37 15.58 -5.43
C ASN A 233 -1.79 14.78 -4.29
N SER A 234 -1.90 13.45 -4.32
CA SER A 234 -1.14 12.64 -3.37
C SER A 234 0.35 12.96 -3.45
N GLY A 235 0.83 13.40 -4.61
CA GLY A 235 2.25 13.73 -4.75
C GLY A 235 2.71 14.79 -3.78
N ILE A 236 1.82 15.72 -3.42
CA ILE A 236 2.20 16.78 -2.49
C ILE A 236 2.50 16.21 -1.12
N ILE A 237 1.65 15.29 -0.66
CA ILE A 237 1.84 14.66 0.63
C ILE A 237 2.96 13.63 0.58
N ASN A 238 3.04 12.87 -0.52
CA ASN A 238 4.12 11.90 -0.67
C ASN A 238 5.48 12.59 -0.60
N LYS A 239 5.60 13.76 -1.24
CA LYS A 239 6.85 14.50 -1.19
C LYS A 239 7.17 14.94 0.23
N ALA A 240 6.17 15.42 0.97
CA ALA A 240 6.41 15.81 2.35
C ALA A 240 6.87 14.62 3.19
N ALA A 241 6.25 13.45 2.99
CA ALA A 241 6.66 12.26 3.72
C ALA A 241 8.09 11.86 3.37
N TYR A 242 8.44 11.90 2.07
CA TYR A 242 9.80 11.59 1.66
C TYR A 242 10.79 12.55 2.32
N LEU A 243 10.46 13.84 2.34
CA LEU A 243 11.36 14.82 2.94
C LEU A 243 11.52 14.58 4.42
N ILE A 244 10.43 14.27 5.11
CA ILE A 244 10.51 13.98 6.55
C ILE A 244 11.50 12.85 6.79
N SER A 245 11.42 11.79 5.99
CA SER A 245 12.27 10.62 6.20
C SER A 245 13.69 10.86 5.73
N GLN A 246 13.87 11.31 4.48
CA GLN A 246 15.19 11.34 3.87
C GLN A 246 15.83 12.72 3.86
N GLY A 247 15.07 13.78 4.12
CA GLY A 247 15.60 15.12 4.09
C GLY A 247 15.80 15.63 2.67
N GLY A 248 16.21 16.89 2.60
CA GLY A 248 16.47 17.52 1.33
C GLY A 248 16.08 18.98 1.33
N THR A 249 16.42 19.69 0.26
CA THR A 249 16.02 21.07 0.07
C THR A 249 15.12 21.13 -1.15
N HIS A 250 13.93 21.69 -0.99
CA HIS A 250 12.87 21.62 -1.99
C HIS A 250 12.23 23.00 -2.06
N TYR A 251 12.21 23.59 -3.26
CA TYR A 251 11.81 24.97 -3.45
C TYR A 251 12.47 25.89 -2.41
N GLY A 252 13.74 25.63 -2.13
CA GLY A 252 14.51 26.49 -1.27
C GLY A 252 14.30 26.29 0.21
N VAL A 253 13.55 25.27 0.61
CA VAL A 253 13.28 24.99 2.01
C VAL A 253 14.01 23.71 2.38
N SER A 254 14.85 23.78 3.41
CA SER A 254 15.68 22.65 3.82
C SER A 254 14.99 21.83 4.89
N VAL A 255 15.04 20.51 4.74
CA VAL A 255 14.42 19.57 5.66
C VAL A 255 15.49 18.59 6.14
N VAL A 256 15.63 18.45 7.46
CA VAL A 256 16.53 17.48 8.05
C VAL A 256 15.78 16.15 8.18
N GLY A 257 16.27 15.11 7.50
CA GLY A 257 15.60 13.83 7.54
C GLY A 257 15.73 13.16 8.90
N ILE A 258 14.70 12.40 9.25
CA ILE A 258 14.65 11.69 10.53
C ILE A 258 14.54 10.19 10.35
N GLY A 259 14.44 9.69 9.12
CA GLY A 259 14.48 8.26 8.90
C GLY A 259 13.09 7.67 8.71
N ARG A 260 13.06 6.51 8.04
CA ARG A 260 11.79 5.88 7.67
C ARG A 260 11.00 5.44 8.89
N ASP A 261 11.68 4.89 9.91
CA ASP A 261 10.98 4.36 11.06
C ASP A 261 10.18 5.46 11.77
N LYS A 262 10.80 6.62 11.98
CA LYS A 262 10.11 7.72 12.62
C LYS A 262 9.02 8.29 11.74
N LEU A 263 9.24 8.36 10.42
CA LEU A 263 8.15 8.72 9.51
C LEU A 263 6.95 7.81 9.73
N GLY A 264 7.19 6.50 9.75
CA GLY A 264 6.11 5.55 9.94
C GLY A 264 5.38 5.75 11.26
N LYS A 265 6.13 5.99 12.33
CA LYS A 265 5.50 6.20 13.63
C LYS A 265 4.64 7.46 13.64
N ILE A 266 5.15 8.54 13.05
CA ILE A 266 4.41 9.80 13.03
C ILE A 266 3.14 9.67 12.22
N PHE A 267 3.24 9.10 11.02
CA PHE A 267 2.05 9.01 10.17
C PHE A 267 1.08 7.93 10.65
N TYR A 268 1.57 6.86 11.28
CA TYR A 268 0.64 5.89 11.85
C TYR A 268 -0.17 6.52 12.98
N ARG A 269 0.50 7.29 13.85
CA ARG A 269 -0.21 7.96 14.94
C ARG A 269 -1.18 9.00 14.40
N ALA A 270 -0.75 9.76 13.39
CA ALA A 270 -1.65 10.74 12.79
C ALA A 270 -2.89 10.04 12.23
N LEU A 271 -2.70 8.94 11.52
CA LEU A 271 -3.79 8.24 10.88
C LEU A 271 -4.79 7.69 11.88
N THR A 272 -4.29 7.16 13.00
CA THR A 272 -5.12 6.43 13.94
C THR A 272 -5.63 7.26 15.10
N GLN A 273 -5.06 8.45 15.34
CA GLN A 273 -5.45 9.28 16.48
C GLN A 273 -6.02 10.64 16.11
N TYR A 274 -5.65 11.22 14.97
CA TYR A 274 -5.97 12.62 14.76
C TYR A 274 -6.73 12.91 13.48
N LEU A 275 -6.48 12.15 12.42
CA LEU A 275 -7.16 12.42 11.16
C LEU A 275 -8.63 11.98 11.24
N THR A 276 -9.47 12.68 10.48
CA THR A 276 -10.90 12.46 10.41
C THR A 276 -11.31 12.29 8.96
N PRO A 277 -12.56 11.91 8.70
CA PRO A 277 -12.97 11.68 7.31
C PRO A 277 -12.80 12.89 6.41
N THR A 278 -12.91 14.11 6.92
CA THR A 278 -12.85 15.29 6.07
C THR A 278 -11.54 16.08 6.21
N SER A 279 -10.52 15.49 6.83
CA SER A 279 -9.27 16.21 7.02
C SER A 279 -8.73 16.71 5.69
N ASN A 280 -8.30 17.96 5.66
CA ASN A 280 -7.61 18.52 4.50
C ASN A 280 -6.10 18.55 4.76
N PHE A 281 -5.34 19.08 3.79
CA PHE A 281 -3.88 19.04 3.89
C PHE A 281 -3.39 19.81 5.11
N SER A 282 -3.96 20.99 5.36
CA SER A 282 -3.57 21.79 6.52
C SER A 282 -3.83 21.02 7.81
N GLN A 283 -4.94 20.30 7.86
CA GLN A 283 -5.25 19.50 9.05
C GLN A 283 -4.33 18.29 9.17
N LEU A 284 -3.88 17.73 8.05
CA LEU A 284 -2.87 16.68 8.11
C LEU A 284 -1.57 17.20 8.69
N ARG A 285 -1.14 18.39 8.27
CA ARG A 285 0.06 18.97 8.86
C ARG A 285 -0.08 19.05 10.38
N ALA A 286 -1.21 19.58 10.84
CA ALA A 286 -1.42 19.71 12.28
C ALA A 286 -1.41 18.35 12.97
N ALA A 287 -2.01 17.35 12.33
CA ALA A 287 -2.03 16.01 12.91
C ALA A 287 -0.62 15.43 12.99
N ALA A 288 0.19 15.65 11.97
CA ALA A 288 1.56 15.15 11.99
C ALA A 288 2.42 15.89 13.01
N VAL A 289 2.24 17.21 13.12
CA VAL A 289 2.96 17.97 14.15
C VAL A 289 2.59 17.45 15.54
N GLN A 290 1.30 17.25 15.79
CA GLN A 290 0.87 16.77 17.10
C GLN A 290 1.40 15.37 17.36
N SER A 291 1.34 14.49 16.36
CA SER A 291 1.84 13.14 16.52
C SER A 291 3.33 13.14 16.85
N ALA A 292 4.12 13.92 16.10
CA ALA A 292 5.54 14.01 16.38
C ALA A 292 5.79 14.59 17.77
N THR A 293 4.95 15.53 18.21
CA THR A 293 5.10 16.09 19.55
C THR A 293 4.83 15.02 20.61
N ASP A 294 3.77 14.23 20.43
CA ASP A 294 3.47 13.15 21.36
C ASP A 294 4.66 12.20 21.47
N LEU A 295 5.28 11.86 20.34
CA LEU A 295 6.27 10.79 20.32
C LEU A 295 7.66 11.27 20.73
N TYR A 296 8.02 12.51 20.38
CA TYR A 296 9.40 12.95 20.52
C TYR A 296 9.58 14.25 21.27
N GLY A 297 8.52 14.99 21.55
CA GLY A 297 8.64 16.20 22.32
C GLY A 297 8.54 17.45 21.45
N SER A 298 7.98 18.51 22.03
CA SER A 298 7.69 19.71 21.25
C SER A 298 8.94 20.37 20.68
N THR A 299 10.07 20.27 21.38
CA THR A 299 11.31 20.89 20.93
C THR A 299 12.19 19.94 20.13
N SER A 300 11.66 18.79 19.71
CA SER A 300 12.48 17.78 19.07
C SER A 300 12.79 18.16 17.62
N GLN A 301 13.87 17.57 17.10
CA GLN A 301 14.15 17.67 15.67
C GLN A 301 13.01 17.10 14.85
N GLU A 302 12.39 16.02 15.34
CA GLU A 302 11.31 15.39 14.60
C GLU A 302 10.17 16.36 14.33
N VAL A 303 9.75 17.10 15.35
CA VAL A 303 8.71 18.10 15.16
C VAL A 303 9.18 19.18 14.18
N ALA A 304 10.41 19.68 14.38
CA ALA A 304 10.92 20.71 13.49
C ALA A 304 10.94 20.24 12.04
N SER A 305 11.31 18.98 11.81
CA SER A 305 11.39 18.46 10.45
C SER A 305 10.02 18.28 9.81
N VAL A 306 9.02 17.87 10.59
CA VAL A 306 7.67 17.79 10.05
C VAL A 306 7.24 19.17 9.53
N LYS A 307 7.50 20.21 10.32
CA LYS A 307 7.11 21.56 9.91
C LYS A 307 7.86 21.99 8.66
N GLN A 308 9.16 21.74 8.60
CA GLN A 308 9.92 22.12 7.41
C GLN A 308 9.42 21.39 6.16
N ALA A 309 9.08 20.11 6.29
CA ALA A 309 8.64 19.34 5.14
C ALA A 309 7.33 19.88 4.60
N PHE A 310 6.37 20.20 5.48
CA PHE A 310 5.12 20.76 5.01
C PHE A 310 5.32 22.17 4.46
N ASP A 311 6.22 22.95 5.07
CA ASP A 311 6.59 24.24 4.50
C ASP A 311 7.11 24.07 3.08
N ALA A 312 7.98 23.08 2.87
CA ALA A 312 8.60 22.89 1.57
C ALA A 312 7.58 22.60 0.47
N VAL A 313 6.46 21.94 0.80
CA VAL A 313 5.43 21.65 -0.18
C VAL A 313 4.29 22.65 -0.12
N GLY A 314 4.45 23.75 0.62
CA GLY A 314 3.48 24.82 0.60
C GLY A 314 2.22 24.57 1.40
N VAL A 315 2.26 23.69 2.40
CA VAL A 315 1.10 23.36 3.20
C VAL A 315 1.30 23.95 4.59
N LYS A 316 0.46 24.92 4.95
CA LYS A 316 0.54 25.55 6.26
C LYS A 316 -0.58 25.05 7.17
#